data_7N42
#
_entry.id   7N42
#
_cell.length_a   45.599
_cell.length_b   54.463
_cell.length_c   122.590
_cell.angle_alpha   90.000
_cell.angle_beta   90.000
_cell.angle_gamma   90.000
#
_symmetry.space_group_name_H-M   'P 21 21 21'
#
loop_
_entity.id
_entity.type
_entity.pdbx_description
1 polymer 'Transcription initiation factor TFIID subunit 1'
2 non-polymer 1,2-ETHANEDIOL
3 non-polymer 6-(but-3-en-1-yl)-4-[6-{1-[(R)-S-methanesulfonimidoyl]cyclopropyl}-2-(1H-pyrrolo[2,3-b]pyridin-4-yl)pyrimidin-4-yl]-1,6-dihydro-7H-pyrrolo[2,3-c]pyridin-7-one
4 non-polymer 'DIMETHYL SULFOXIDE'
5 water water
#
_entity_poly.entity_id   1
_entity_poly.type   'polypeptide(L)'
_entity_poly.pdbx_seq_one_letter_code
;SMSIHRRRTDPMVTLSSILESIINDMRDLPNTYPFHTPVNAKVVKDYYKIITRPMDLQTLRENVRKRLYPSREEFREHLE
LIVKNSATYNGPKHSLTQISQSMLDLCDEKLKEKEDKLARLEKAINPLLDDDDQVAFSFILDNIVTQKMMAVPDSWPFHH
PVNKKFVPDYYKVIVNPMDLETIRKNISKHKYQSRESFLDDVNLILANSVKYNGPESQYTKTAQEIVNVCYQTLTEYDEH
LTQLEKDICTAKEAALEEAELESLD
;
_entity_poly.pdbx_strand_id   A
#
# COMPACT_ATOMS: atom_id res chain seq x y z
N ASP A 10 -14.13 20.43 9.72
CA ASP A 10 -12.99 19.83 9.02
C ASP A 10 -13.16 18.32 8.93
N PRO A 11 -13.36 17.81 7.71
CA PRO A 11 -13.60 16.36 7.55
C PRO A 11 -12.43 15.50 7.98
N MET A 12 -11.21 16.04 7.99
CA MET A 12 -10.07 15.29 8.50
C MET A 12 -10.19 15.03 9.99
N VAL A 13 -10.77 15.96 10.73
CA VAL A 13 -10.97 15.77 12.17
C VAL A 13 -12.03 14.70 12.41
N THR A 14 -13.16 14.79 11.70
CA THR A 14 -14.20 13.77 11.84
C THR A 14 -13.68 12.39 11.49
N LEU A 15 -12.98 12.27 10.36
CA LEU A 15 -12.38 11.00 9.98
C LEU A 15 -11.45 10.48 11.07
N SER A 16 -10.56 11.35 11.56
CA SER A 16 -9.61 10.92 12.59
C SER A 16 -10.31 10.43 13.84
N SER A 17 -11.44 11.04 14.20
CA SER A 17 -12.17 10.60 15.39
C SER A 17 -12.77 9.22 15.18
N ILE A 18 -13.27 8.95 13.97
CA ILE A 18 -13.76 7.60 13.65
C ILE A 18 -12.63 6.58 13.73
N LEU A 19 -11.48 6.92 13.17
CA LEU A 19 -10.37 5.97 13.19
C LEU A 19 -9.90 5.70 14.61
N GLU A 20 -9.82 6.76 15.44
CA GLU A 20 -9.45 6.56 16.85
C GLU A 20 -10.45 5.67 17.57
N SER A 21 -11.75 5.83 17.28
CA SER A 21 -12.73 4.96 17.92
C SER A 21 -12.51 3.50 17.51
N ILE A 22 -12.13 3.27 16.26
CA ILE A 22 -11.83 1.89 15.87
C ILE A 22 -10.61 1.37 16.62
N ILE A 23 -9.58 2.20 16.81
CA ILE A 23 -8.42 1.76 17.60
C ILE A 23 -8.84 1.41 19.02
N ASN A 24 -9.70 2.23 19.64
CA ASN A 24 -10.21 1.92 20.96
C ASN A 24 -10.90 0.55 20.96
N ASP A 25 -11.69 0.25 19.93
CA ASP A 25 -12.40 -1.02 19.89
C ASP A 25 -11.45 -2.20 19.73
N MET A 26 -10.42 -2.06 18.88
CA MET A 26 -9.46 -3.15 18.76
C MET A 26 -8.57 -3.33 19.98
N ARG A 27 -8.21 -2.24 20.66
CA ARG A 27 -7.41 -2.35 21.88
C ARG A 27 -8.14 -3.18 22.93
N ASP A 28 -9.48 -3.11 22.94
CA ASP A 28 -10.34 -3.81 23.88
C ASP A 28 -10.54 -5.30 23.56
N LEU A 29 -10.02 -5.80 22.44
CA LEU A 29 -10.20 -7.21 22.16
C LEU A 29 -9.27 -8.03 23.07
N PRO A 30 -9.67 -9.26 23.39
CA PRO A 30 -8.84 -10.08 24.28
C PRO A 30 -7.44 -10.37 23.74
N ASN A 31 -6.49 -10.31 24.67
CA ASN A 31 -5.12 -10.76 24.49
C ASN A 31 -4.34 -9.88 23.52
N THR A 32 -4.81 -8.66 23.25
CA THR A 32 -4.17 -7.83 22.24
C THR A 32 -3.00 -7.00 22.77
N TYR A 33 -2.75 -7.02 24.08
CA TYR A 33 -1.72 -6.13 24.64
C TYR A 33 -0.37 -6.20 23.93
N PRO A 34 0.14 -7.35 23.48
CA PRO A 34 1.46 -7.33 22.81
C PRO A 34 1.51 -6.41 21.59
N PHE A 35 0.36 -5.98 21.08
CA PHE A 35 0.29 -5.10 19.92
C PHE A 35 -0.06 -3.67 20.26
N HIS A 36 -0.25 -3.35 21.54
CA HIS A 36 -0.66 -2.00 21.92
C HIS A 36 0.44 -0.96 21.80
N THR A 37 1.71 -1.35 21.88
CA THR A 37 2.82 -0.42 21.92
C THR A 37 3.95 -1.00 21.09
N PRO A 38 4.95 -0.18 20.73
CA PRO A 38 6.03 -0.70 19.86
C PRO A 38 6.76 -1.86 20.52
N VAL A 39 7.13 -2.84 19.71
CA VAL A 39 8.07 -3.87 20.15
C VAL A 39 9.34 -3.22 20.69
N ASN A 40 9.78 -3.70 21.85
CA ASN A 40 11.04 -3.26 22.44
C ASN A 40 12.15 -4.05 21.76
N ALA A 41 12.81 -3.43 20.79
CA ALA A 41 13.85 -4.12 20.03
C ALA A 41 15.12 -4.40 20.83
N LYS A 42 15.25 -3.86 22.04
CA LYS A 42 16.37 -4.27 22.89
C LYS A 42 16.06 -5.51 23.71
N VAL A 43 14.79 -5.87 23.85
CA VAL A 43 14.41 -7.16 24.42
C VAL A 43 14.25 -8.20 23.32
N VAL A 44 13.54 -7.86 22.26
CA VAL A 44 13.36 -8.75 21.12
C VAL A 44 14.48 -8.39 20.16
N LYS A 45 15.66 -8.95 20.41
CA LYS A 45 16.90 -8.41 19.86
C LYS A 45 17.05 -8.62 18.35
N ASP A 46 16.37 -9.60 17.76
CA ASP A 46 16.48 -9.83 16.33
C ASP A 46 15.32 -9.22 15.57
N TYR A 47 14.47 -8.44 16.25
CA TYR A 47 13.22 -8.01 15.63
C TYR A 47 13.44 -7.22 14.36
N TYR A 48 14.36 -6.23 14.39
CA TYR A 48 14.58 -5.42 13.19
C TYR A 48 15.42 -6.12 12.14
N LYS A 49 16.04 -7.24 12.48
CA LYS A 49 16.71 -8.04 11.47
C LYS A 49 15.70 -8.80 10.63
N ILE A 50 14.48 -8.95 11.14
CA ILE A 50 13.43 -9.72 10.48
C ILE A 50 12.32 -8.82 9.93
N ILE A 51 11.99 -7.76 10.67
CA ILE A 51 10.84 -6.90 10.36
C ILE A 51 11.34 -5.58 9.78
N THR A 52 10.71 -5.14 8.69
CA THR A 52 11.10 -3.91 8.01
C THR A 52 10.20 -2.72 8.34
N ARG A 53 8.92 -2.96 8.63
CA ARG A 53 7.94 -1.90 8.85
C ARG A 53 7.20 -2.13 10.17
N PRO A 54 7.84 -1.81 11.29
CA PRO A 54 7.19 -2.00 12.58
C PRO A 54 5.93 -1.15 12.69
N MET A 55 4.91 -1.70 13.35
CA MET A 55 3.69 -0.95 13.61
C MET A 55 3.01 -1.53 14.83
N ASP A 56 2.24 -0.69 15.51
CA ASP A 56 1.51 -1.03 16.74
C ASP A 56 0.38 -0.03 16.92
N LEU A 57 -0.52 -0.32 17.88
CA LEU A 57 -1.72 0.52 18.00
C LEU A 57 -1.40 1.91 18.54
N GLN A 58 -0.40 2.05 19.40
CA GLN A 58 -0.04 3.39 19.88
C GLN A 58 0.51 4.26 18.75
N THR A 59 1.41 3.70 17.94
CA THR A 59 1.94 4.46 16.81
C THR A 59 0.83 4.79 15.83
N LEU A 60 -0.07 3.83 15.60
CA LEU A 60 -1.21 4.04 14.73
C LEU A 60 -2.07 5.19 15.24
N ARG A 61 -2.33 5.22 16.55
CA ARG A 61 -3.14 6.29 17.10
C ARG A 61 -2.44 7.64 16.95
N GLU A 62 -1.13 7.66 17.18
CA GLU A 62 -0.39 8.92 17.05
C GLU A 62 -0.42 9.40 15.60
N ASN A 63 -0.37 8.46 14.65
CA ASN A 63 -0.44 8.84 13.25
C ASN A 63 -1.82 9.37 12.89
N VAL A 64 -2.88 8.76 13.44
CA VAL A 64 -4.22 9.32 13.26
C VAL A 64 -4.27 10.75 13.77
N ARG A 65 -3.65 10.99 14.94
CA ARG A 65 -3.71 12.34 15.50
C ARG A 65 -2.83 13.32 14.74
N LYS A 66 -1.77 12.86 14.11
CA LYS A 66 -0.96 13.71 13.25
C LYS A 66 -1.59 13.94 11.88
N ARG A 67 -2.82 13.44 11.67
CA ARG A 67 -3.57 13.62 10.43
C ARG A 67 -2.85 13.00 9.24
N LEU A 68 -2.20 11.84 9.46
CA LEU A 68 -1.46 11.18 8.39
C LEU A 68 -2.32 10.33 7.47
N TYR A 69 -3.59 10.09 7.81
CA TYR A 69 -4.46 9.17 7.08
C TYR A 69 -5.62 9.97 6.51
N PRO A 70 -5.62 10.27 5.22
CA PRO A 70 -6.77 10.94 4.59
C PRO A 70 -7.89 10.00 4.18
N SER A 71 -7.76 8.69 4.38
CA SER A 71 -8.81 7.76 3.98
C SER A 71 -8.70 6.50 4.81
N ARG A 72 -9.74 5.68 4.71
CA ARG A 72 -9.75 4.35 5.31
C ARG A 72 -8.53 3.56 4.91
N GLU A 73 -8.12 3.68 3.65
CA GLU A 73 -7.19 2.72 3.08
C GLU A 73 -5.77 2.90 3.65
N GLU A 74 -5.32 4.14 3.87
CA GLU A 74 -3.97 4.33 4.41
C GLU A 74 -3.91 3.83 5.85
N PHE A 75 -4.99 4.08 6.61
CA PHE A 75 -5.10 3.57 7.96
C PHE A 75 -5.08 2.05 7.96
N ARG A 76 -5.89 1.43 7.09
CA ARG A 76 -5.98 -0.03 7.09
C ARG A 76 -4.65 -0.65 6.68
N GLU A 77 -3.92 -0.03 5.74
CA GLU A 77 -2.63 -0.59 5.33
C GLU A 77 -1.65 -0.62 6.51
N HIS A 78 -1.63 0.46 7.30
CA HIS A 78 -0.76 0.43 8.47
C HIS A 78 -1.26 -0.59 9.48
N LEU A 79 -2.57 -0.70 9.68
CA LEU A 79 -3.07 -1.71 10.62
C LEU A 79 -2.69 -3.11 10.17
N GLU A 80 -2.79 -3.38 8.86
CA GLU A 80 -2.45 -4.70 8.36
C GLU A 80 -0.98 -5.05 8.59
N LEU A 81 -0.10 -4.04 8.66
CA LEU A 81 1.30 -4.35 8.98
C LEU A 81 1.43 -5.11 10.30
N ILE A 82 0.58 -4.77 11.29
CA ILE A 82 0.66 -5.47 12.58
C ILE A 82 0.49 -6.98 12.39
N VAL A 83 -0.51 -7.36 11.58
CA VAL A 83 -0.79 -8.77 11.30
C VAL A 83 0.35 -9.37 10.50
N LYS A 84 0.76 -8.70 9.42
CA LYS A 84 1.82 -9.24 8.57
C LYS A 84 3.10 -9.45 9.35
N ASN A 85 3.47 -8.47 10.20
CA ASN A 85 4.66 -8.60 11.03
C ASN A 85 4.54 -9.78 11.97
N SER A 86 3.37 -9.97 12.58
CA SER A 86 3.24 -11.12 13.47
C SER A 86 3.36 -12.43 12.69
N ALA A 87 2.73 -12.50 11.51
CA ALA A 87 2.79 -13.71 10.69
C ALA A 87 4.23 -14.05 10.33
N THR A 88 5.03 -13.02 10.03
CA THR A 88 6.44 -13.23 9.67
C THR A 88 7.26 -13.64 10.89
N TYR A 89 7.11 -12.91 11.99
CA TYR A 89 8.00 -13.13 13.13
C TYR A 89 7.57 -14.31 13.97
N ASN A 90 6.28 -14.38 14.31
CA ASN A 90 5.75 -15.45 15.14
C ASN A 90 5.27 -16.67 14.36
N GLY A 91 4.77 -16.48 13.15
CA GLY A 91 4.28 -17.59 12.36
C GLY A 91 2.84 -17.36 11.99
N PRO A 92 2.41 -17.90 10.85
CA PRO A 92 1.06 -17.60 10.35
C PRO A 92 -0.05 -18.12 11.24
N LYS A 93 0.19 -19.17 12.03
CA LYS A 93 -0.85 -19.73 12.87
C LYS A 93 -0.64 -19.48 14.36
N HIS A 94 0.44 -18.79 14.71
CA HIS A 94 0.71 -18.46 16.11
C HIS A 94 -0.49 -17.73 16.71
N SER A 95 -0.75 -17.97 18.00
CA SER A 95 -1.87 -17.28 18.65
C SER A 95 -1.73 -15.76 18.49
N LEU A 96 -0.50 -15.24 18.54
CA LEU A 96 -0.34 -13.79 18.38
C LEU A 96 -0.83 -13.32 17.02
N THR A 97 -0.57 -14.11 15.97
CA THR A 97 -1.08 -13.73 14.65
C THR A 97 -2.59 -13.80 14.60
N GLN A 98 -3.20 -14.82 15.22
CA GLN A 98 -4.67 -14.88 15.32
C GLN A 98 -5.24 -13.67 16.06
N ILE A 99 -4.58 -13.26 17.15
CA ILE A 99 -5.02 -12.08 17.91
C ILE A 99 -4.95 -10.82 17.06
N SER A 100 -3.82 -10.61 16.37
CA SER A 100 -3.69 -9.44 15.49
C SER A 100 -4.76 -9.48 14.38
N GLN A 101 -5.01 -10.67 13.83
CA GLN A 101 -6.05 -10.79 12.81
C GLN A 101 -7.42 -10.43 13.38
N SER A 102 -7.67 -10.78 14.65
CA SER A 102 -8.96 -10.39 15.23
C SER A 102 -9.12 -8.88 15.26
N MET A 103 -8.01 -8.14 15.43
CA MET A 103 -8.18 -6.69 15.38
C MET A 103 -8.46 -6.21 13.95
N LEU A 104 -7.75 -6.75 12.97
CA LEU A 104 -8.05 -6.38 11.57
C LEU A 104 -9.48 -6.73 11.18
N ASP A 105 -9.99 -7.88 11.63
CA ASP A 105 -11.37 -8.26 11.35
C ASP A 105 -12.35 -7.28 11.96
N LEU A 106 -12.12 -6.84 13.21
CA LEU A 106 -13.02 -5.87 13.82
C LEU A 106 -12.97 -4.54 13.07
N CYS A 107 -11.76 -4.12 12.68
CA CYS A 107 -11.63 -2.91 11.87
C CYS A 107 -12.49 -3.00 10.62
N ASP A 108 -12.40 -4.14 9.91
CA ASP A 108 -13.17 -4.28 8.68
C ASP A 108 -14.67 -4.25 8.96
N GLU A 109 -15.11 -4.85 10.07
CA GLU A 109 -16.53 -4.73 10.44
C GLU A 109 -16.94 -3.26 10.62
N LYS A 110 -16.13 -2.49 11.35
CA LYS A 110 -16.50 -1.11 11.64
C LYS A 110 -16.45 -0.26 10.38
N LEU A 111 -15.44 -0.47 9.52
CA LEU A 111 -15.37 0.28 8.27
C LEU A 111 -16.57 -0.03 7.40
N LYS A 112 -17.02 -1.29 7.40
CA LYS A 112 -18.21 -1.64 6.64
C LYS A 112 -19.45 -0.94 7.21
N GLU A 113 -19.58 -0.92 8.54
CA GLU A 113 -20.73 -0.26 9.15
C GLU A 113 -20.80 1.22 8.78
N LYS A 114 -19.66 1.88 8.63
CA LYS A 114 -19.61 3.33 8.43
C LYS A 114 -19.22 3.72 7.02
N GLU A 115 -19.41 2.82 6.04
CA GLU A 115 -18.80 3.04 4.73
C GLU A 115 -19.34 4.28 4.03
N ASP A 116 -20.64 4.57 4.15
CA ASP A 116 -21.18 5.74 3.44
C ASP A 116 -20.67 7.05 4.03
N LYS A 117 -20.64 7.15 5.35
CA LYS A 117 -20.07 8.33 6.00
C LYS A 117 -18.60 8.49 5.65
N LEU A 118 -17.85 7.38 5.72
CA LEU A 118 -16.43 7.44 5.39
C LEU A 118 -16.20 7.87 3.95
N ALA A 119 -16.99 7.34 3.00
CA ALA A 119 -16.86 7.76 1.61
C ALA A 119 -17.08 9.26 1.50
N ARG A 120 -18.06 9.80 2.23
CA ARG A 120 -18.36 11.22 2.08
C ARG A 120 -17.21 12.06 2.62
N LEU A 121 -16.67 11.66 3.78
CA LEU A 121 -15.54 12.38 4.34
C LEU A 121 -14.33 12.30 3.41
N GLU A 122 -14.09 11.12 2.84
CA GLU A 122 -12.94 10.93 1.96
C GLU A 122 -13.05 11.83 0.74
N LYS A 123 -14.28 11.96 0.22
CA LYS A 123 -14.55 12.84 -0.91
C LYS A 123 -14.37 14.32 -0.56
N ALA A 124 -14.74 14.70 0.66
CA ALA A 124 -14.54 16.08 1.05
C ALA A 124 -13.07 16.41 1.27
N ILE A 125 -12.30 15.43 1.74
CA ILE A 125 -10.87 15.62 1.92
C ILE A 125 -10.15 15.64 0.57
N ASN A 126 -10.54 14.77 -0.36
CA ASN A 126 -9.85 14.67 -1.65
C ASN A 126 -10.90 14.45 -2.74
N PRO A 127 -11.37 15.53 -3.37
CA PRO A 127 -12.42 15.39 -4.40
C PRO A 127 -12.05 14.51 -5.56
N LEU A 128 -10.76 14.26 -5.80
CA LEU A 128 -10.38 13.43 -6.93
C LEU A 128 -10.83 12.00 -6.75
N LEU A 129 -11.05 11.55 -5.51
CA LEU A 129 -11.55 10.20 -5.30
C LEU A 129 -12.92 9.99 -5.90
N ASP A 130 -13.68 11.06 -6.16
CA ASP A 130 -14.99 10.92 -6.76
C ASP A 130 -15.00 11.34 -8.23
N ASP A 131 -13.85 11.66 -8.80
CA ASP A 131 -13.81 12.16 -10.16
C ASP A 131 -13.81 10.99 -11.13
N ASP A 132 -14.77 11.00 -12.06
CA ASP A 132 -14.95 9.84 -12.93
C ASP A 132 -13.76 9.62 -13.83
N ASP A 133 -13.04 10.68 -14.18
CA ASP A 133 -11.85 10.52 -15.01
C ASP A 133 -10.71 9.92 -14.20
N GLN A 134 -10.54 10.37 -12.95
CA GLN A 134 -9.56 9.72 -12.09
C GLN A 134 -9.88 8.24 -11.90
N VAL A 135 -11.14 7.92 -11.67
CA VAL A 135 -11.54 6.53 -11.44
C VAL A 135 -11.28 5.68 -12.67
N ALA A 136 -11.64 6.19 -13.86
CA ALA A 136 -11.41 5.43 -15.09
C ALA A 136 -9.92 5.25 -15.37
N PHE A 137 -9.14 6.30 -15.11
CA PHE A 137 -7.70 6.23 -15.32
C PHE A 137 -7.08 5.17 -14.42
N SER A 138 -7.45 5.19 -13.13
CA SER A 138 -6.92 4.22 -12.20
C SER A 138 -7.34 2.81 -12.57
N PHE A 139 -8.57 2.65 -13.06
CA PHE A 139 -9.05 1.33 -13.47
C PHE A 139 -8.20 0.77 -14.60
N ILE A 140 -7.86 1.63 -15.58
CA ILE A 140 -7.01 1.18 -16.68
C ILE A 140 -5.63 0.79 -16.17
N LEU A 141 -5.01 1.63 -15.33
CA LEU A 141 -3.69 1.29 -14.80
C LEU A 141 -3.73 -0.05 -14.05
N ASP A 142 -4.77 -0.27 -13.24
CA ASP A 142 -4.82 -1.52 -12.49
C ASP A 142 -4.92 -2.71 -13.43
N ASN A 143 -5.69 -2.56 -14.51
CA ASN A 143 -5.81 -3.65 -15.47
C ASN A 143 -4.50 -3.91 -16.19
N ILE A 144 -3.73 -2.85 -16.46
CA ILE A 144 -2.41 -3.06 -17.04
C ILE A 144 -1.53 -3.85 -16.09
N VAL A 145 -1.58 -3.51 -14.79
CA VAL A 145 -0.74 -4.23 -13.83
C VAL A 145 -1.14 -5.69 -13.73
N THR A 146 -2.44 -5.96 -13.56
CA THR A 146 -2.85 -7.34 -13.30
C THR A 146 -2.87 -8.21 -14.56
N GLN A 147 -3.29 -7.65 -15.70
CA GLN A 147 -3.50 -8.51 -16.85
C GLN A 147 -2.30 -8.59 -17.78
N LYS A 148 -1.41 -7.61 -17.73
CA LYS A 148 -0.23 -7.57 -18.59
C LYS A 148 1.06 -7.74 -17.79
N MET A 149 1.28 -6.88 -16.79
CA MET A 149 2.57 -6.87 -16.13
C MET A 149 2.73 -8.10 -15.23
N MET A 150 1.69 -8.42 -14.43
CA MET A 150 1.79 -9.60 -13.59
C MET A 150 1.69 -10.89 -14.39
N ALA A 151 1.28 -10.81 -15.66
CA ALA A 151 1.21 -11.97 -16.52
C ALA A 151 2.55 -12.32 -17.17
N VAL A 152 3.57 -11.48 -16.99
CA VAL A 152 4.90 -11.80 -17.49
C VAL A 152 5.38 -13.10 -16.85
N PRO A 153 5.89 -14.07 -17.61
CA PRO A 153 6.34 -15.33 -17.01
C PRO A 153 7.38 -15.12 -15.92
N ASP A 154 7.23 -15.87 -14.84
CA ASP A 154 8.18 -15.85 -13.73
C ASP A 154 8.32 -14.47 -13.12
N SER A 155 7.27 -13.65 -13.20
CA SER A 155 7.29 -12.31 -12.61
C SER A 155 7.01 -12.34 -11.10
N TRP A 156 6.81 -13.53 -10.51
CA TRP A 156 6.46 -13.65 -9.10
C TRP A 156 7.39 -12.88 -8.16
N PRO A 157 8.71 -12.76 -8.40
CA PRO A 157 9.53 -12.02 -7.41
C PRO A 157 9.11 -10.57 -7.24
N PHE A 158 8.40 -10.00 -8.20
CA PHE A 158 8.02 -8.58 -8.25
C PHE A 158 6.57 -8.33 -7.90
N HIS A 159 5.81 -9.37 -7.55
CA HIS A 159 4.38 -9.22 -7.25
C HIS A 159 4.11 -8.62 -5.87
N HIS A 160 5.04 -8.76 -4.92
CA HIS A 160 4.82 -8.37 -3.54
C HIS A 160 6.12 -7.81 -2.99
N PRO A 161 6.06 -7.08 -1.88
CA PRO A 161 7.30 -6.63 -1.21
C PRO A 161 8.16 -7.81 -0.79
N VAL A 162 9.48 -7.64 -0.92
CA VAL A 162 10.40 -8.66 -0.43
C VAL A 162 10.23 -8.79 1.08
N ASN A 163 10.16 -10.02 1.55
CA ASN A 163 10.11 -10.27 2.98
C ASN A 163 11.54 -10.43 3.47
N LYS A 164 11.98 -9.52 4.34
CA LYS A 164 13.36 -9.56 4.80
C LYS A 164 13.69 -10.88 5.50
N LYS A 165 12.68 -11.61 6.00
CA LYS A 165 12.96 -12.92 6.59
C LYS A 165 13.63 -13.84 5.59
N PHE A 166 13.23 -13.74 4.32
CA PHE A 166 13.74 -14.64 3.29
C PHE A 166 14.92 -14.07 2.52
N VAL A 167 15.06 -12.76 2.46
CA VAL A 167 16.19 -12.11 1.79
C VAL A 167 16.77 -11.09 2.76
N PRO A 168 17.62 -11.53 3.70
CA PRO A 168 17.91 -10.68 4.86
C PRO A 168 18.64 -9.39 4.54
N ASP A 169 19.39 -9.33 3.44
CA ASP A 169 20.14 -8.13 3.12
C ASP A 169 19.44 -7.21 2.12
N TYR A 170 18.19 -7.52 1.75
CA TYR A 170 17.58 -6.83 0.61
C TYR A 170 17.47 -5.33 0.84
N TYR A 171 17.05 -4.93 2.03
CA TYR A 171 16.75 -3.52 2.28
C TYR A 171 17.98 -2.76 2.74
N LYS A 172 19.07 -3.46 3.01
CA LYS A 172 20.33 -2.75 3.15
C LYS A 172 20.88 -2.32 1.81
N VAL A 173 20.53 -3.02 0.72
CA VAL A 173 20.92 -2.64 -0.63
C VAL A 173 19.88 -1.74 -1.28
N ILE A 174 18.60 -2.11 -1.17
CA ILE A 174 17.50 -1.41 -1.82
C ILE A 174 16.81 -0.58 -0.75
N VAL A 175 17.11 0.71 -0.73
CA VAL A 175 16.52 1.58 0.28
C VAL A 175 15.28 2.28 -0.22
N ASN A 176 14.99 2.21 -1.52
CA ASN A 176 13.77 2.78 -2.10
C ASN A 176 13.03 1.64 -2.81
N PRO A 177 12.47 0.69 -2.05
CA PRO A 177 11.88 -0.51 -2.64
C PRO A 177 10.55 -0.20 -3.34
N MET A 178 10.21 -1.09 -4.28
CA MET A 178 8.93 -1.01 -5.01
C MET A 178 8.56 -2.39 -5.53
N ASP A 179 7.24 -2.62 -5.65
CA ASP A 179 6.75 -3.91 -6.11
C ASP A 179 5.37 -3.67 -6.73
N LEU A 180 4.84 -4.68 -7.42
CA LEU A 180 3.59 -4.48 -8.13
C LEU A 180 2.39 -4.36 -7.20
N GLU A 181 2.39 -5.05 -6.05
CA GLU A 181 1.26 -4.90 -5.12
C GLU A 181 1.21 -3.48 -4.58
N THR A 182 2.35 -2.92 -4.21
CA THR A 182 2.38 -1.53 -3.75
C THR A 182 1.89 -0.59 -4.84
N ILE A 183 2.27 -0.85 -6.09
CA ILE A 183 1.72 -0.03 -7.18
C ILE A 183 0.20 -0.18 -7.25
N ARG A 184 -0.32 -1.41 -7.13
CA ARG A 184 -1.77 -1.58 -7.14
C ARG A 184 -2.44 -0.83 -6.00
N LYS A 185 -1.82 -0.84 -4.81
CA LYS A 185 -2.38 -0.09 -3.68
C LYS A 185 -2.38 1.41 -3.99
N ASN A 186 -1.29 1.91 -4.58
CA ASN A 186 -1.23 3.31 -4.98
C ASN A 186 -2.33 3.65 -5.97
N ILE A 187 -2.56 2.75 -6.93
CA ILE A 187 -3.65 2.95 -7.89
C ILE A 187 -4.99 2.99 -7.19
N SER A 188 -5.20 2.08 -6.24
CA SER A 188 -6.47 2.03 -5.52
C SER A 188 -6.68 3.31 -4.74
N LYS A 189 -5.60 3.93 -4.26
CA LYS A 189 -5.65 5.21 -3.57
C LYS A 189 -5.63 6.40 -4.52
N HIS A 190 -5.63 6.14 -5.83
CA HIS A 190 -5.63 7.20 -6.85
C HIS A 190 -4.42 8.12 -6.69
N LYS A 191 -3.26 7.51 -6.42
CA LYS A 191 -2.01 8.25 -6.27
C LYS A 191 -1.54 8.83 -7.60
N TYR A 192 -1.87 8.17 -8.70
CA TYR A 192 -1.35 8.54 -10.00
C TYR A 192 -2.39 9.34 -10.78
N GLN A 193 -2.05 10.57 -11.12
CA GLN A 193 -2.88 11.43 -11.97
C GLN A 193 -2.42 11.41 -13.42
N SER A 194 -1.30 10.78 -13.72
CA SER A 194 -0.85 10.66 -15.09
C SER A 194 0.18 9.54 -15.18
N ARG A 195 0.59 9.24 -16.41
CA ARG A 195 1.47 8.10 -16.64
C ARG A 195 2.87 8.36 -16.11
N GLU A 196 3.26 9.61 -15.95
CA GLU A 196 4.63 9.92 -15.52
C GLU A 196 4.91 9.37 -14.12
N SER A 197 4.04 9.63 -13.14
CA SER A 197 4.30 9.13 -11.77
C SER A 197 4.20 7.61 -11.71
N PHE A 198 3.24 7.04 -12.44
CA PHE A 198 3.13 5.59 -12.53
C PHE A 198 4.42 4.99 -13.07
N LEU A 199 4.96 5.60 -14.13
CA LEU A 199 6.17 5.08 -14.74
C LEU A 199 7.37 5.31 -13.84
N ASP A 200 7.34 6.34 -12.98
CA ASP A 200 8.40 6.51 -11.98
C ASP A 200 8.48 5.27 -11.09
N ASP A 201 7.32 4.79 -10.62
CA ASP A 201 7.33 3.61 -9.75
C ASP A 201 7.66 2.32 -10.51
N VAL A 202 7.08 2.17 -11.70
CA VAL A 202 7.38 1.00 -12.53
C VAL A 202 8.88 0.90 -12.79
N ASN A 203 9.50 2.00 -13.20
CA ASN A 203 10.92 1.96 -13.53
C ASN A 203 11.77 1.76 -12.28
N LEU A 204 11.27 2.17 -11.12
CA LEU A 204 12.03 1.92 -9.90
C LEU A 204 12.20 0.43 -9.66
N ILE A 205 11.20 -0.37 -10.05
CA ILE A 205 11.35 -1.83 -9.94
C ILE A 205 12.56 -2.32 -10.76
N LEU A 206 12.68 -1.84 -11.99
CA LEU A 206 13.78 -2.31 -12.83
C LEU A 206 15.12 -1.80 -12.31
N ALA A 207 15.17 -0.52 -11.91
CA ALA A 207 16.42 0.04 -11.38
C ALA A 207 16.87 -0.73 -10.13
N ASN A 208 15.93 -1.08 -9.24
CA ASN A 208 16.30 -1.86 -8.07
C ASN A 208 16.77 -3.25 -8.43
N SER A 209 16.20 -3.86 -9.47
CA SER A 209 16.72 -5.18 -9.86
C SER A 209 18.14 -5.07 -10.42
N VAL A 210 18.40 -4.05 -11.23
CA VAL A 210 19.75 -3.85 -11.72
C VAL A 210 20.72 -3.72 -10.54
N LYS A 211 20.34 -2.94 -9.52
CA LYS A 211 21.23 -2.70 -8.38
C LYS A 211 21.44 -3.96 -7.55
N TYR A 212 20.35 -4.68 -7.25
CA TYR A 212 20.47 -5.81 -6.32
C TYR A 212 20.94 -7.09 -7.02
N ASN A 213 20.45 -7.36 -8.22
CA ASN A 213 20.73 -8.61 -8.91
C ASN A 213 21.79 -8.50 -9.98
N GLY A 214 21.97 -7.33 -10.56
CA GLY A 214 22.94 -7.17 -11.62
C GLY A 214 22.22 -7.03 -12.94
N PRO A 215 22.84 -6.37 -13.92
CA PRO A 215 22.17 -6.13 -15.20
C PRO A 215 21.88 -7.38 -16.01
N GLU A 216 22.59 -8.48 -15.79
CA GLU A 216 22.43 -9.67 -16.61
C GLU A 216 21.67 -10.77 -15.88
N SER A 217 21.23 -10.51 -14.64
CA SER A 217 20.47 -11.50 -13.88
C SER A 217 19.16 -11.82 -14.58
N GLN A 218 18.69 -13.06 -14.41
CA GLN A 218 17.34 -13.38 -14.89
C GLN A 218 16.28 -12.53 -14.23
N TYR A 219 16.45 -12.17 -12.95
CA TYR A 219 15.51 -11.26 -12.31
C TYR A 219 15.39 -9.95 -13.08
N THR A 220 16.53 -9.43 -13.54
CA THR A 220 16.51 -8.16 -14.26
C THR A 220 15.91 -8.32 -15.65
N LYS A 221 16.15 -9.44 -16.31
CA LYS A 221 15.50 -9.68 -17.60
C LYS A 221 13.98 -9.71 -17.44
N THR A 222 13.50 -10.36 -16.37
CA THR A 222 12.07 -10.35 -16.08
C THR A 222 11.55 -8.94 -15.80
N ALA A 223 12.27 -8.18 -14.98
CA ALA A 223 11.85 -6.80 -14.70
C ALA A 223 11.83 -5.96 -15.98
N GLN A 224 12.82 -6.17 -16.86
CA GLN A 224 12.82 -5.48 -18.15
C GLN A 224 11.60 -5.83 -18.97
N GLU A 225 11.18 -7.09 -18.93
CA GLU A 225 10.00 -7.48 -19.71
C GLU A 225 8.74 -6.84 -19.10
N ILE A 226 8.67 -6.78 -17.76
CA ILE A 226 7.56 -6.11 -17.09
C ILE A 226 7.46 -4.65 -17.54
N VAL A 227 8.60 -3.96 -17.55
CA VAL A 227 8.59 -2.56 -17.96
C VAL A 227 8.19 -2.44 -19.44
N ASN A 228 8.73 -3.33 -20.28
CA ASN A 228 8.43 -3.24 -21.70
C ASN A 228 6.97 -3.50 -22.01
N VAL A 229 6.33 -4.47 -21.35
CA VAL A 229 4.92 -4.70 -21.65
C VAL A 229 4.09 -3.56 -21.09
N CYS A 230 4.58 -2.91 -20.03
CA CYS A 230 3.93 -1.70 -19.56
C CYS A 230 3.94 -0.62 -20.61
N TYR A 231 5.10 -0.36 -21.20
CA TYR A 231 5.14 0.67 -22.26
C TYR A 231 4.25 0.28 -23.43
N GLN A 232 4.30 -0.97 -23.88
CA GLN A 232 3.49 -1.41 -25.01
C GLN A 232 2.00 -1.23 -24.76
N THR A 233 1.55 -1.56 -23.55
CA THR A 233 0.13 -1.46 -23.28
C THR A 233 -0.29 -0.01 -23.12
N LEU A 234 0.54 0.82 -22.47
CA LEU A 234 0.25 2.25 -22.44
C LEU A 234 0.13 2.83 -23.83
N THR A 235 0.99 2.39 -24.75
CA THR A 235 0.92 2.91 -26.12
C THR A 235 -0.39 2.51 -26.77
N GLU A 236 -0.86 1.29 -26.49
CA GLU A 236 -2.11 0.85 -27.11
C GLU A 236 -3.30 1.72 -26.67
N TYR A 237 -3.31 2.17 -25.42
CA TYR A 237 -4.39 3.02 -24.91
C TYR A 237 -4.04 4.51 -24.87
N ASP A 238 -3.04 4.95 -25.65
CA ASP A 238 -2.52 6.31 -25.50
C ASP A 238 -3.61 7.37 -25.64
N GLU A 239 -4.57 7.19 -26.54
CA GLU A 239 -5.39 8.35 -26.88
C GLU A 239 -6.43 8.58 -25.79
N HIS A 240 -6.97 7.49 -25.26
CA HIS A 240 -7.87 7.54 -24.11
C HIS A 240 -7.14 8.03 -22.87
N LEU A 241 -5.94 7.50 -22.62
CA LEU A 241 -5.21 7.94 -21.44
C LEU A 241 -4.85 9.42 -21.52
N THR A 242 -4.53 9.92 -22.71
CA THR A 242 -4.23 11.34 -22.84
C THR A 242 -5.44 12.20 -22.54
N GLN A 243 -6.62 11.78 -23.01
CA GLN A 243 -7.81 12.57 -22.73
C GLN A 243 -8.11 12.54 -21.23
N LEU A 244 -7.98 11.37 -20.61
CA LEU A 244 -8.24 11.24 -19.18
C LEU A 244 -7.28 12.11 -18.38
N GLU A 245 -6.00 12.14 -18.75
CA GLU A 245 -5.03 12.95 -18.02
C GLU A 245 -5.36 14.43 -18.14
N LYS A 246 -5.83 14.84 -19.33
CA LYS A 246 -6.25 16.23 -19.51
C LYS A 246 -7.41 16.58 -18.59
N ASP A 247 -8.41 15.69 -18.54
CA ASP A 247 -9.59 16.00 -17.74
C ASP A 247 -9.28 15.92 -16.24
N ILE A 248 -8.34 15.06 -15.85
CA ILE A 248 -7.92 15.01 -14.45
C ILE A 248 -7.20 16.29 -14.07
N CYS A 249 -6.29 16.77 -14.92
CA CYS A 249 -5.61 18.03 -14.65
C CYS A 249 -6.64 19.15 -14.48
N THR A 250 -7.64 19.18 -15.36
CA THR A 250 -8.69 20.20 -15.25
C THR A 250 -9.44 20.09 -13.92
N ALA A 251 -9.77 18.87 -13.49
CA ALA A 251 -10.42 18.69 -12.19
C ALA A 251 -9.51 19.16 -11.05
N LYS A 252 -8.23 18.83 -11.14
CA LYS A 252 -7.28 19.23 -10.10
C LYS A 252 -7.19 20.75 -10.00
N GLU A 253 -7.20 21.42 -11.15
CA GLU A 253 -7.11 22.88 -11.16
C GLU A 253 -8.40 23.49 -10.61
N ALA A 254 -9.54 22.86 -10.90
CA ALA A 254 -10.82 23.40 -10.45
C ALA A 254 -10.97 23.24 -8.95
N ALA A 255 -10.25 22.29 -8.34
CA ALA A 255 -10.26 22.06 -6.90
C ALA A 255 -9.44 23.11 -6.15
N LEU A 256 -9.45 24.35 -6.64
CA LEU A 256 -8.58 25.40 -6.12
C LEU A 256 -9.39 26.68 -5.92
#